data_3HHX
#
_entry.id   3HHX
#
_cell.length_a   89.170
_cell.length_b   37.800
_cell.length_c   75.040
_cell.angle_alpha   90.00
_cell.angle_beta   94.84
_cell.angle_gamma   90.00
#
_symmetry.space_group_name_H-M   'C 1 2 1'
#
loop_
_entity.id
_entity.type
_entity.pdbx_description
1 polymer 'Catechol 1,2-dioxygenase'
2 non-polymer 'FE (III) ION'
3 non-polymer '(4S,7R)-4-HYDROXY-N,N,N-TRIMETHYL-9-OXO-7-[(PALMITOYLOXY)METHYL]-3,5,8-TRIOXA-4-PHOSPHAHEXACOSAN-1-AMINIUM 4-OXIDE'
4 non-polymer BENZENE-1,2,3-TRIOL
5 water water
#
_entity_poly.entity_id   1
_entity_poly.type   'polypeptide(L)'
_entity_poly.pdbx_seq_one_letter_code
;MTTTESPTAAGSGSAATDKFKAERATADTSPERLAAIAKDALGALNDVILKHGVTYPEYRVFKQWLIDVGEGGEWPLFLD
VFIEHSVEEVLARSRKGTMGSIEGPYYIENSPELPSKCTLPMREEDEKITPLVFSGQVTDLDGNGLAGAKVELWHADNDG
YYSQFAPHLPEWNLRGTIIADEEGRYEITTIQPAPYQIPTDGPTGQFIEAQNGHPWRPAHLHLIVSAPGKESVTTQLYFK
GGEWIDSDVASATKPELILDPKTGDDGKNYVTYNFVLDPA
;
_entity_poly.pdbx_strand_id   A
#
# COMPACT_ATOMS: atom_id res chain seq x y z
N ALA A 25 -8.47 -18.60 -4.25
CA ALA A 25 -8.93 -17.36 -4.96
C ALA A 25 -9.66 -17.69 -6.25
N THR A 26 -10.87 -17.16 -6.39
CA THR A 26 -11.78 -17.51 -7.47
C THR A 26 -12.34 -16.22 -7.99
N ALA A 27 -12.67 -16.16 -9.28
CA ALA A 27 -13.37 -15.01 -9.84
C ALA A 27 -14.45 -15.49 -10.79
N ASP A 28 -15.52 -14.70 -10.89
CA ASP A 28 -16.54 -14.89 -11.90
C ASP A 28 -16.02 -14.13 -13.13
N THR A 29 -15.47 -14.87 -14.09
CA THR A 29 -14.99 -14.31 -15.34
C THR A 29 -15.36 -15.34 -16.40
N SER A 30 -15.98 -14.87 -17.46
CA SER A 30 -16.48 -15.77 -18.49
C SER A 30 -15.36 -16.26 -19.39
N PRO A 31 -15.52 -17.44 -20.00
CA PRO A 31 -14.56 -17.90 -20.99
C PRO A 31 -14.31 -16.84 -22.04
N GLU A 32 -15.39 -16.19 -22.48
CA GLU A 32 -15.38 -15.09 -23.47
C GLU A 32 -14.45 -13.91 -23.07
N ARG A 33 -14.69 -13.38 -21.88
CA ARG A 33 -13.89 -12.27 -21.32
C ARG A 33 -12.42 -12.68 -21.11
N LEU A 34 -12.17 -13.85 -20.54
CA LEU A 34 -10.78 -14.33 -20.40
C LEU A 34 -10.06 -14.45 -21.76
N ALA A 35 -10.78 -14.98 -22.75
CA ALA A 35 -10.30 -15.12 -24.12
C ALA A 35 -9.96 -13.78 -24.71
N ALA A 36 -10.85 -12.80 -24.57
CA ALA A 36 -10.51 -11.48 -25.11
C ALA A 36 -9.32 -10.89 -24.35
N ILE A 37 -9.24 -11.10 -23.03
CA ILE A 37 -8.18 -10.50 -22.22
C ILE A 37 -6.84 -11.08 -22.59
N ALA A 38 -6.82 -12.41 -22.63
CA ALA A 38 -5.62 -13.16 -23.00
C ALA A 38 -5.12 -12.76 -24.38
N LYS A 39 -6.05 -12.68 -25.32
CA LYS A 39 -5.70 -12.30 -26.70
C LYS A 39 -4.87 -11.00 -26.75
N ASP A 40 -5.36 -9.91 -26.16
CA ASP A 40 -4.54 -8.68 -26.27
C ASP A 40 -3.35 -8.62 -25.31
N ALA A 41 -3.39 -9.35 -24.19
CA ALA A 41 -2.22 -9.44 -23.33
C ALA A 41 -1.08 -10.12 -24.08
N LEU A 42 -1.33 -11.34 -24.57
CA LEU A 42 -0.35 -12.03 -25.41
C LEU A 42 0.03 -11.24 -26.67
N GLY A 43 -0.99 -10.70 -27.33
CA GLY A 43 -0.81 -9.84 -28.52
C GLY A 43 0.15 -8.72 -28.20
N ALA A 44 0.01 -8.18 -26.98
CA ALA A 44 0.73 -6.99 -26.53
C ALA A 44 2.19 -7.29 -26.30
N LEU A 45 2.44 -8.42 -25.63
CA LEU A 45 3.79 -8.82 -25.32
C LEU A 45 4.49 -9.18 -26.61
N ASN A 46 3.80 -9.98 -27.41
CA ASN A 46 4.29 -10.37 -28.71
C ASN A 46 4.68 -9.15 -29.56
N ASP A 47 3.82 -8.13 -29.60
CA ASP A 47 4.16 -6.86 -30.30
C ASP A 47 5.34 -6.13 -29.73
N VAL A 48 5.53 -6.22 -28.41
CA VAL A 48 6.76 -5.64 -27.80
C VAL A 48 8.04 -6.36 -28.26
N ILE A 49 7.96 -7.70 -28.30
CA ILE A 49 9.04 -8.56 -28.81
C ILE A 49 9.37 -8.17 -30.27
N LEU A 50 8.33 -8.00 -31.07
CA LEU A 50 8.53 -7.57 -32.45
C LEU A 50 9.05 -6.16 -32.56
N LYS A 51 8.54 -5.26 -31.73
CA LYS A 51 8.97 -3.87 -31.78
C LYS A 51 10.47 -3.76 -31.52
N HIS A 52 10.92 -4.36 -30.43
CA HIS A 52 12.33 -4.17 -30.01
C HIS A 52 13.26 -5.23 -30.58
N GLY A 53 12.69 -6.20 -31.29
CA GLY A 53 13.49 -7.25 -31.91
C GLY A 53 14.21 -8.03 -30.83
N VAL A 54 13.43 -8.47 -29.83
CA VAL A 54 13.94 -9.31 -28.71
C VAL A 54 14.55 -10.59 -29.29
N THR A 55 15.66 -11.00 -28.71
CA THR A 55 16.47 -11.99 -29.35
C THR A 55 16.34 -13.27 -28.57
N TYR A 56 16.93 -14.35 -29.08
CA TYR A 56 16.97 -15.60 -28.38
C TYR A 56 17.76 -15.65 -27.06
N PRO A 57 18.92 -14.97 -27.00
CA PRO A 57 19.52 -14.94 -25.67
C PRO A 57 18.66 -14.21 -24.63
N GLU A 58 18.00 -13.13 -25.04
CA GLU A 58 17.10 -12.38 -24.16
C GLU A 58 15.88 -13.20 -23.73
N TYR A 59 15.28 -13.90 -24.67
CA TYR A 59 14.14 -14.81 -24.36
C TYR A 59 14.61 -15.83 -23.33
N ARG A 60 15.80 -16.37 -23.51
CA ARG A 60 16.40 -17.25 -22.52
C ARG A 60 16.48 -16.59 -21.15
N VAL A 61 17.05 -15.40 -21.09
CA VAL A 61 17.18 -14.66 -19.83
C VAL A 61 15.76 -14.44 -19.24
N PHE A 62 14.82 -14.03 -20.06
CA PHE A 62 13.48 -13.73 -19.56
C PHE A 62 12.85 -14.99 -18.97
N LYS A 63 13.06 -16.13 -19.62
CA LYS A 63 12.53 -17.37 -19.13
C LYS A 63 13.16 -17.79 -17.77
N GLN A 64 14.49 -17.70 -17.65
CA GLN A 64 15.15 -18.04 -16.38
C GLN A 64 14.65 -17.16 -15.25
N TRP A 65 14.46 -15.86 -15.55
CA TRP A 65 14.04 -14.83 -14.58
C TRP A 65 12.60 -15.19 -14.08
N LEU A 66 11.70 -15.50 -14.99
CA LEU A 66 10.36 -15.90 -14.58
C LEU A 66 10.43 -17.07 -13.57
N ILE A 67 11.28 -18.06 -13.85
CA ILE A 67 11.45 -19.21 -12.92
C ILE A 67 11.95 -18.78 -11.52
N ASP A 68 12.94 -17.89 -11.54
CA ASP A 68 13.61 -17.37 -10.36
C ASP A 68 12.65 -16.56 -9.50
N VAL A 69 11.72 -15.84 -10.16
CA VAL A 69 10.73 -15.04 -9.46
C VAL A 69 9.86 -15.89 -8.58
N GLY A 70 9.34 -16.97 -9.16
CA GLY A 70 8.52 -17.89 -8.42
C GLY A 70 9.32 -18.61 -7.35
N GLU A 71 10.51 -19.09 -7.73
CA GLU A 71 11.36 -19.81 -6.80
C GLU A 71 11.75 -18.90 -5.62
N GLY A 72 11.59 -17.60 -5.80
CA GLY A 72 12.03 -16.63 -4.78
C GLY A 72 10.90 -16.12 -3.95
N GLY A 73 9.72 -16.71 -4.13
CA GLY A 73 8.47 -16.17 -3.60
C GLY A 73 8.23 -14.70 -3.90
N GLU A 74 8.65 -14.20 -5.08
CA GLU A 74 8.42 -12.79 -5.37
C GLU A 74 7.23 -12.42 -6.26
N TRP A 75 6.27 -13.32 -6.49
CA TRP A 75 5.13 -12.92 -7.34
C TRP A 75 4.28 -11.80 -6.69
N PRO A 76 3.93 -11.94 -5.41
CA PRO A 76 3.25 -10.84 -4.71
C PRO A 76 4.00 -9.54 -4.76
N LEU A 77 5.31 -9.58 -4.49
CA LEU A 77 6.16 -8.42 -4.64
C LEU A 77 6.18 -7.82 -6.05
N PHE A 78 6.53 -8.61 -7.06
CA PHE A 78 6.69 -8.04 -8.38
C PHE A 78 5.37 -7.48 -8.88
N LEU A 79 4.30 -8.22 -8.65
CA LEU A 79 3.02 -7.84 -9.22
C LEU A 79 2.44 -6.60 -8.56
N ASP A 80 2.43 -6.57 -7.22
CA ASP A 80 1.99 -5.37 -6.49
C ASP A 80 2.84 -4.10 -6.83
N VAL A 81 4.16 -4.27 -6.94
CA VAL A 81 5.00 -3.12 -7.32
C VAL A 81 4.67 -2.70 -8.77
N PHE A 82 4.66 -3.65 -9.67
CA PHE A 82 4.59 -3.26 -11.08
C PHE A 82 3.30 -3.28 -11.82
N ILE A 83 2.30 -3.93 -11.23
CA ILE A 83 1.01 -4.13 -11.90
C ILE A 83 -0.20 -3.61 -11.12
N GLU A 84 -0.26 -3.87 -9.80
CA GLU A 84 -1.48 -3.53 -9.01
C GLU A 84 -2.04 -2.09 -9.23
N HIS A 85 -1.18 -1.10 -9.41
CA HIS A 85 -1.65 0.25 -9.56
C HIS A 85 -2.75 0.37 -10.66
N SER A 86 -2.57 -0.41 -11.72
CA SER A 86 -3.52 -0.49 -12.85
C SER A 86 -4.85 -1.02 -12.39
N VAL A 87 -4.81 -2.07 -11.57
CA VAL A 87 -5.98 -2.69 -11.02
C VAL A 87 -6.76 -1.73 -10.11
N GLU A 88 -6.05 -0.94 -9.28
CA GLU A 88 -6.76 0.05 -8.45
C GLU A 88 -7.31 1.14 -9.38
N GLU A 89 -6.53 1.56 -10.36
CA GLU A 89 -6.99 2.64 -11.24
C GLU A 89 -8.33 2.25 -11.85
N VAL A 90 -8.44 1.00 -12.26
CA VAL A 90 -9.78 0.45 -12.60
C VAL A 90 -10.85 0.68 -11.50
N LEU A 91 -10.62 0.13 -10.32
CA LEU A 91 -11.54 0.30 -9.21
C LEU A 91 -11.85 1.81 -8.97
N ALA A 92 -10.81 2.63 -8.99
CA ALA A 92 -10.93 4.08 -8.81
C ALA A 92 -12.07 4.78 -9.61
N ARG A 93 -12.35 4.31 -10.83
CA ARG A 93 -13.35 4.94 -11.70
C ARG A 93 -14.74 4.84 -11.12
N SER A 94 -15.01 3.80 -10.36
CA SER A 94 -16.34 3.60 -9.81
C SER A 94 -16.56 4.22 -8.41
N ARG A 95 -15.57 4.95 -7.89
CA ARG A 95 -15.65 5.40 -6.49
C ARG A 95 -15.59 6.92 -6.32
N LYS A 96 -16.45 7.46 -5.46
CA LYS A 96 -16.53 8.93 -5.25
C LYS A 96 -15.80 9.35 -3.97
N GLY A 97 -15.56 8.38 -3.05
CA GLY A 97 -14.86 8.62 -1.76
C GLY A 97 -13.36 8.89 -1.78
N THR A 98 -12.67 8.66 -0.65
CA THR A 98 -11.22 8.97 -0.58
C THR A 98 -10.53 8.18 -1.63
N MET A 99 -9.53 8.77 -2.30
CA MET A 99 -8.71 8.05 -3.27
C MET A 99 -8.15 6.77 -2.61
N GLY A 100 -8.18 5.66 -3.37
CA GLY A 100 -7.47 4.46 -2.93
C GLY A 100 -6.04 4.48 -3.45
N SER A 101 -5.33 3.40 -3.18
CA SER A 101 -3.99 3.11 -3.67
C SER A 101 -3.88 1.58 -3.58
N ILE A 102 -2.73 1.03 -3.94
CA ILE A 102 -2.51 -0.42 -3.96
C ILE A 102 -2.49 -0.95 -2.52
N GLU A 103 -2.93 -2.20 -2.30
CA GLU A 103 -2.75 -2.86 -1.02
C GLU A 103 -1.25 -3.11 -0.71
N GLY A 104 -0.47 -3.56 -1.71
CA GLY A 104 0.89 -4.06 -1.45
C GLY A 104 0.85 -5.47 -0.84
N PRO A 105 2.02 -6.13 -0.72
CA PRO A 105 2.14 -7.55 -0.31
C PRO A 105 1.98 -7.80 1.19
N TYR A 106 1.96 -6.74 2.00
CA TYR A 106 2.17 -6.91 3.45
C TYR A 106 0.99 -6.70 4.38
N TYR A 107 -0.23 -6.81 3.88
CA TYR A 107 -1.39 -6.59 4.71
C TYR A 107 -1.74 -7.88 5.44
N ILE A 108 -2.08 -7.83 6.73
CA ILE A 108 -2.46 -9.04 7.47
C ILE A 108 -3.82 -8.79 8.12
N GLU A 109 -4.78 -9.62 7.78
CA GLU A 109 -6.10 -9.47 8.35
C GLU A 109 -6.06 -9.68 9.85
N ASN A 110 -7.12 -9.22 10.53
CA ASN A 110 -7.31 -9.34 11.98
C ASN A 110 -6.22 -8.86 12.92
N SER A 111 -5.52 -7.77 12.58
CA SER A 111 -4.69 -7.09 13.56
C SER A 111 -5.52 -6.75 14.78
N PRO A 112 -4.94 -6.87 15.99
CA PRO A 112 -5.79 -6.72 17.18
C PRO A 112 -6.43 -5.35 17.25
N GLU A 113 -7.62 -5.30 17.85
CA GLU A 113 -8.41 -4.10 17.92
C GLU A 113 -7.83 -3.07 18.88
N LEU A 114 -7.95 -1.81 18.54
CA LEU A 114 -7.58 -0.74 19.47
C LEU A 114 -8.72 0.24 19.57
N PRO A 115 -8.79 0.96 20.70
CA PRO A 115 -9.77 2.03 20.88
C PRO A 115 -9.48 3.24 20.00
N SER A 116 -10.54 4.01 19.71
CA SER A 116 -10.49 5.12 18.72
C SER A 116 -9.36 6.12 18.99
N LYS A 117 -9.05 6.38 20.26
CA LYS A 117 -7.78 7.04 20.60
C LYS A 117 -6.86 5.96 21.15
N CYS A 118 -5.65 5.88 20.59
CA CYS A 118 -4.72 4.77 20.90
C CYS A 118 -3.35 5.05 20.35
N THR A 119 -2.42 4.17 20.71
CA THR A 119 -1.13 4.21 20.10
C THR A 119 -0.92 2.78 19.54
N LEU A 120 -0.30 2.67 18.36
CA LEU A 120 -0.03 1.37 17.72
C LEU A 120 0.93 0.53 18.54
N PRO A 121 0.80 -0.82 18.52
CA PRO A 121 1.85 -1.62 19.18
C PRO A 121 3.21 -1.23 18.61
N MET A 122 4.23 -1.14 19.45
CA MET A 122 5.59 -0.85 19.00
C MET A 122 6.70 -1.28 20.00
N ARG A 123 7.93 -1.40 19.53
CA ARG A 123 9.05 -1.79 20.42
C ARG A 123 9.64 -0.53 21.02
N GLU A 124 10.50 -0.74 22.01
CA GLU A 124 11.37 0.32 22.53
C GLU A 124 12.21 0.99 21.46
N GLU A 125 12.64 0.25 20.45
CA GLU A 125 13.39 0.84 19.34
C GLU A 125 12.54 1.94 18.69
N ASP A 126 11.25 1.65 18.56
CA ASP A 126 10.37 2.52 17.80
C ASP A 126 10.09 3.79 18.57
N GLU A 127 9.87 3.66 19.87
CA GLU A 127 9.65 4.81 20.78
C GLU A 127 10.67 5.96 20.60
N LYS A 128 11.84 5.63 20.07
CA LYS A 128 12.88 6.61 19.78
C LYS A 128 12.58 7.53 18.58
N ILE A 129 11.61 7.17 17.75
CA ILE A 129 11.35 7.88 16.47
C ILE A 129 10.37 9.01 16.69
N THR A 130 10.43 10.07 15.89
CA THR A 130 9.45 11.16 16.01
C THR A 130 8.02 10.58 15.98
N PRO A 131 7.23 10.83 17.04
CA PRO A 131 5.86 10.32 16.99
C PRO A 131 5.07 10.99 15.86
N LEU A 132 4.10 10.25 15.31
CA LEU A 132 3.08 10.81 14.41
C LEU A 132 1.68 10.57 14.97
N VAL A 133 0.91 11.66 15.07
CA VAL A 133 -0.38 11.66 15.73
C VAL A 133 -1.38 11.97 14.64
N PHE A 134 -2.17 10.97 14.31
CA PHE A 134 -2.94 10.99 13.11
C PHE A 134 -4.41 11.03 13.54
N SER A 135 -5.11 12.13 13.29
CA SER A 135 -6.51 12.30 13.72
C SER A 135 -7.46 12.41 12.54
N GLY A 136 -8.74 12.08 12.76
CA GLY A 136 -9.70 12.36 11.73
C GLY A 136 -11.06 11.73 11.91
N GLN A 137 -11.83 11.71 10.84
CA GLN A 137 -13.17 11.17 10.87
C GLN A 137 -13.50 10.37 9.61
N VAL A 138 -14.23 9.27 9.82
CA VAL A 138 -14.76 8.46 8.74
C VAL A 138 -16.20 8.91 8.45
N THR A 139 -16.49 9.34 7.24
CA THR A 139 -17.80 9.90 6.97
C THR A 139 -18.35 9.23 5.75
N ASP A 140 -19.65 9.40 5.49
CA ASP A 140 -20.21 9.03 4.19
C ASP A 140 -19.92 10.10 3.15
N LEU A 141 -20.48 9.95 1.95
CA LEU A 141 -20.28 10.89 0.85
C LEU A 141 -20.84 12.28 1.16
N ASP A 142 -21.90 12.37 1.97
CA ASP A 142 -22.49 13.68 2.32
C ASP A 142 -21.79 14.34 3.53
N GLY A 143 -20.75 13.70 4.07
CA GLY A 143 -19.95 14.28 5.15
C GLY A 143 -20.46 13.92 6.52
N ASN A 144 -21.42 13.00 6.57
CA ASN A 144 -21.90 12.46 7.84
C ASN A 144 -21.01 11.38 8.45
N GLY A 145 -20.74 11.49 9.76
CA GLY A 145 -19.84 10.59 10.50
C GLY A 145 -20.46 9.25 10.80
N LEU A 146 -19.65 8.18 10.87
CA LEU A 146 -20.16 6.81 10.88
C LEU A 146 -19.73 6.02 12.10
N ALA A 147 -20.73 5.44 12.77
CA ALA A 147 -20.50 4.54 13.91
C ALA A 147 -20.26 3.13 13.40
N GLY A 148 -19.57 2.32 14.21
CA GLY A 148 -19.04 1.00 13.77
C GLY A 148 -17.89 1.05 12.73
N ALA A 149 -17.18 2.16 12.66
CA ALA A 149 -16.19 2.32 11.57
C ALA A 149 -14.81 1.83 12.01
N LYS A 150 -14.08 1.17 11.12
CA LYS A 150 -12.77 0.67 11.45
C LYS A 150 -11.69 1.18 10.52
N VAL A 151 -10.54 1.46 11.10
CA VAL A 151 -9.35 1.86 10.34
C VAL A 151 -8.29 0.83 10.62
N GLU A 152 -7.98 0.01 9.62
CA GLU A 152 -6.90 -0.95 9.79
C GLU A 152 -5.65 -0.29 9.26
N LEU A 153 -4.67 -0.14 10.13
CA LEU A 153 -3.45 0.58 9.81
C LEU A 153 -2.25 -0.36 9.88
N TRP A 154 -1.37 -0.24 8.89
CA TRP A 154 -0.07 -0.94 8.92
C TRP A 154 1.00 -0.20 8.14
N HIS A 155 2.24 -0.29 8.63
CA HIS A 155 3.38 0.28 7.93
C HIS A 155 4.70 -0.22 8.46
N ALA A 156 5.76 0.13 7.77
CA ALA A 156 7.07 -0.32 8.12
C ALA A 156 7.66 0.48 9.26
N ASP A 157 8.52 -0.18 10.04
CA ASP A 157 9.37 0.54 11.00
C ASP A 157 10.46 1.37 10.29
N ASN A 158 11.17 2.20 11.06
CA ASN A 158 12.23 3.05 10.54
C ASN A 158 13.41 2.30 9.96
N ASP A 159 13.48 1.00 10.23
CA ASP A 159 14.49 0.15 9.63
C ASP A 159 14.06 -0.33 8.27
N GLY A 160 12.78 -0.13 7.93
CA GLY A 160 12.19 -0.58 6.65
C GLY A 160 11.54 -1.97 6.66
N TYR A 161 11.32 -2.54 7.85
CA TYR A 161 10.73 -3.86 7.96
C TYR A 161 9.25 -3.80 8.34
N TYR A 162 8.49 -4.81 7.90
CA TYR A 162 7.10 -4.98 8.26
C TYR A 162 7.00 -6.23 9.13
N SER A 163 6.20 -6.12 10.20
CA SER A 163 6.03 -7.20 11.12
C SER A 163 5.33 -8.40 10.45
N GLN A 164 5.77 -9.59 10.84
CA GLN A 164 5.40 -10.82 10.18
C GLN A 164 6.06 -11.01 8.84
N PHE A 165 7.05 -10.17 8.55
CA PHE A 165 7.81 -10.29 7.33
C PHE A 165 9.23 -10.01 7.74
N ALA A 166 9.48 -10.11 9.02
CA ALA A 166 10.80 -9.92 9.57
C ALA A 166 10.79 -10.63 10.90
N PRO A 167 11.61 -11.68 11.02
CA PRO A 167 11.52 -12.60 12.18
C PRO A 167 11.79 -11.95 13.54
N HIS A 168 12.54 -10.84 13.59
CA HIS A 168 12.85 -10.16 14.85
C HIS A 168 11.74 -9.34 15.50
N LEU A 169 10.67 -9.07 14.77
CA LEU A 169 9.65 -8.13 15.19
C LEU A 169 8.46 -8.85 15.81
N PRO A 170 7.85 -8.27 16.86
CA PRO A 170 6.58 -8.77 17.39
C PRO A 170 5.54 -8.73 16.28
N GLU A 171 4.61 -9.67 16.32
CA GLU A 171 3.88 -10.02 15.11
C GLU A 171 2.95 -8.89 14.69
N TRP A 172 2.61 -8.00 15.62
CA TRP A 172 1.71 -6.92 15.30
C TRP A 172 2.38 -5.56 15.43
N ASN A 173 3.70 -5.52 15.30
CA ASN A 173 4.40 -4.27 15.44
C ASN A 173 3.88 -3.35 14.36
N LEU A 174 3.42 -2.18 14.76
CA LEU A 174 2.89 -1.15 13.86
C LEU A 174 1.69 -1.62 13.01
N ARG A 175 0.78 -2.37 13.67
CA ARG A 175 -0.45 -2.89 13.06
C ARG A 175 -1.59 -2.88 14.07
N GLY A 176 -2.78 -2.47 13.64
CA GLY A 176 -3.92 -2.53 14.55
C GLY A 176 -5.19 -2.31 13.77
N THR A 177 -6.32 -2.73 14.35
CA THR A 177 -7.59 -2.30 13.82
C THR A 177 -8.28 -1.34 14.81
N ILE A 178 -8.26 -0.07 14.43
CA ILE A 178 -8.74 0.99 15.30
C ILE A 178 -10.27 1.10 15.19
N ILE A 179 -10.92 0.98 16.34
CA ILE A 179 -12.39 1.08 16.46
C ILE A 179 -12.78 2.59 16.59
N ALA A 180 -13.21 3.23 15.51
CA ALA A 180 -13.56 4.66 15.60
C ALA A 180 -14.76 4.86 16.53
N ASP A 181 -14.90 6.06 17.08
CA ASP A 181 -15.98 6.29 18.05
C ASP A 181 -17.34 6.48 17.36
N GLU A 182 -18.37 6.68 18.16
CA GLU A 182 -19.75 6.82 17.66
C GLU A 182 -19.89 7.91 16.58
N GLU A 183 -18.91 8.81 16.55
CA GLU A 183 -18.89 9.89 15.57
C GLU A 183 -18.11 9.56 14.30
N GLY A 184 -17.44 8.41 14.29
CA GLY A 184 -16.52 8.01 13.21
C GLY A 184 -15.12 8.56 13.42
N ARG A 185 -14.83 9.02 14.64
CA ARG A 185 -13.56 9.70 14.94
C ARG A 185 -12.50 8.77 15.53
N TYR A 186 -11.23 9.17 15.38
CA TYR A 186 -10.06 8.42 15.85
C TYR A 186 -8.89 9.36 16.05
N GLU A 187 -7.99 8.98 16.96
CA GLU A 187 -6.74 9.67 17.14
C GLU A 187 -5.66 8.64 17.38
N ILE A 188 -4.84 8.43 16.36
CA ILE A 188 -3.87 7.34 16.34
C ILE A 188 -2.44 7.82 16.30
N THR A 189 -1.68 7.40 17.30
CA THR A 189 -0.29 7.78 17.44
C THR A 189 0.59 6.63 17.02
N THR A 190 1.63 6.95 16.26
CA THR A 190 2.50 5.92 15.75
C THR A 190 3.84 6.56 15.53
N ILE A 191 4.70 6.00 14.68
CA ILE A 191 5.95 6.69 14.35
C ILE A 191 5.85 7.26 12.95
N GLN A 192 6.52 8.38 12.72
CA GLN A 192 6.57 9.00 11.38
C GLN A 192 7.23 7.97 10.46
N PRO A 193 6.55 7.54 9.40
CA PRO A 193 7.23 6.58 8.51
C PRO A 193 8.40 7.16 7.72
N ALA A 194 9.29 6.27 7.27
CA ALA A 194 10.50 6.63 6.56
C ALA A 194 10.47 6.01 5.16
N PRO A 195 11.18 6.61 4.16
CA PRO A 195 11.21 6.08 2.80
C PRO A 195 11.59 4.61 2.93
N TYR A 196 11.07 3.76 2.06
CA TYR A 196 11.26 2.35 2.23
C TYR A 196 11.81 1.71 0.92
N GLN A 197 12.86 0.91 1.08
CA GLN A 197 13.39 0.17 -0.05
C GLN A 197 12.86 -1.27 -0.13
N ILE A 198 12.22 -1.60 -1.26
CA ILE A 198 11.81 -2.98 -1.54
C ILE A 198 13.02 -3.95 -1.52
N PRO A 199 12.77 -5.24 -1.24
CA PRO A 199 13.88 -6.18 -1.22
C PRO A 199 14.60 -6.19 -2.58
N THR A 200 15.93 -6.20 -2.58
CA THR A 200 16.69 -6.19 -3.84
C THR A 200 17.69 -7.33 -3.94
N ASP A 201 17.63 -8.27 -2.99
CA ASP A 201 18.48 -9.45 -3.01
C ASP A 201 17.99 -10.58 -3.95
N GLY A 202 16.88 -10.36 -4.66
CA GLY A 202 16.26 -11.39 -5.53
C GLY A 202 15.90 -10.91 -6.94
N PRO A 203 14.99 -11.64 -7.63
CA PRO A 203 14.80 -11.31 -9.05
C PRO A 203 14.15 -9.95 -9.33
N THR A 204 13.32 -9.44 -8.41
CA THR A 204 12.73 -8.11 -8.58
C THR A 204 13.86 -7.05 -8.51
N GLY A 205 14.79 -7.26 -7.57
CA GLY A 205 15.91 -6.34 -7.40
C GLY A 205 16.85 -6.39 -8.61
N GLN A 206 17.09 -7.60 -9.12
CA GLN A 206 17.81 -7.84 -10.35
C GLN A 206 17.15 -7.14 -11.54
N PHE A 207 15.83 -7.28 -11.68
CA PHE A 207 15.10 -6.64 -12.77
C PHE A 207 15.27 -5.10 -12.75
N ILE A 208 15.36 -4.53 -11.55
CA ILE A 208 15.49 -3.08 -11.36
C ILE A 208 16.95 -2.66 -11.60
N GLU A 209 17.91 -3.43 -11.11
CA GLU A 209 19.33 -3.12 -11.33
C GLU A 209 19.76 -3.16 -12.81
N ALA A 210 19.30 -4.19 -13.53
CA ALA A 210 19.63 -4.36 -14.96
C ALA A 210 19.17 -3.23 -15.85
N GLN A 211 18.14 -2.49 -15.44
CA GLN A 211 17.69 -1.32 -16.23
C GLN A 211 18.02 0.07 -15.63
N ASN A 212 18.97 0.12 -14.70
CA ASN A 212 19.29 1.31 -13.85
C ASN A 212 18.13 2.06 -13.23
N GLY A 213 17.21 1.34 -12.58
CA GLY A 213 16.09 1.97 -11.90
C GLY A 213 16.47 2.11 -10.45
N HIS A 214 15.51 2.49 -9.60
CA HIS A 214 15.76 2.49 -8.18
C HIS A 214 14.69 1.69 -7.42
N PRO A 215 15.04 1.10 -6.29
CA PRO A 215 14.10 0.26 -5.57
C PRO A 215 13.32 0.94 -4.41
N TRP A 216 13.06 2.24 -4.52
CA TRP A 216 12.54 3.01 -3.39
C TRP A 216 11.05 3.30 -3.50
N ARG A 217 10.35 3.16 -2.39
CA ARG A 217 9.02 3.75 -2.27
C ARG A 217 9.11 4.91 -1.25
N PRO A 218 8.32 5.98 -1.46
CA PRO A 218 8.20 6.97 -0.42
C PRO A 218 7.72 6.42 0.96
N ALA A 219 8.04 7.18 2.01
CA ALA A 219 7.45 7.03 3.35
C ALA A 219 5.94 6.93 3.25
N HIS A 220 5.37 5.89 3.83
CA HIS A 220 3.91 5.77 3.71
C HIS A 220 3.24 5.00 4.81
N LEU A 221 1.99 5.35 5.05
CA LEU A 221 1.07 4.55 5.84
C LEU A 221 0.14 3.79 4.93
N HIS A 222 -0.25 2.60 5.37
CA HIS A 222 -1.19 1.73 4.65
C HIS A 222 -2.48 1.68 5.46
N LEU A 223 -3.64 1.81 4.84
CA LEU A 223 -4.89 1.68 5.60
C LEU A 223 -6.03 1.06 4.82
N ILE A 224 -6.85 0.26 5.51
CA ILE A 224 -8.13 -0.17 4.93
C ILE A 224 -9.28 0.42 5.79
N VAL A 225 -10.17 1.22 5.20
CA VAL A 225 -11.18 1.91 6.05
C VAL A 225 -12.57 1.37 5.76
N SER A 226 -13.28 0.95 6.79
CA SER A 226 -14.58 0.30 6.61
C SER A 226 -15.65 0.79 7.59
N ALA A 227 -16.91 0.61 7.20
CA ALA A 227 -18.04 0.95 8.05
C ALA A 227 -19.28 0.16 7.60
N PRO A 228 -20.18 -0.21 8.56
CA PRO A 228 -21.31 -1.08 8.19
C PRO A 228 -22.06 -0.52 7.00
N GLY A 229 -22.42 -1.38 6.04
CA GLY A 229 -23.11 -0.95 4.81
C GLY A 229 -22.36 0.00 3.87
N LYS A 230 -21.05 0.08 4.03
CA LYS A 230 -20.21 0.92 3.14
C LYS A 230 -19.22 0.08 2.34
N GLU A 231 -18.82 0.59 1.20
CA GLU A 231 -17.69 0.04 0.47
C GLU A 231 -16.41 0.49 1.15
N SER A 232 -15.65 -0.48 1.63
CA SER A 232 -14.28 -0.24 2.15
C SER A 232 -13.34 0.47 1.18
N VAL A 233 -12.36 1.19 1.73
CA VAL A 233 -11.24 1.70 0.94
C VAL A 233 -9.90 1.20 1.45
N THR A 234 -9.10 0.73 0.51
CA THR A 234 -7.73 0.35 0.74
C THR A 234 -6.94 1.46 0.14
N THR A 235 -6.12 2.10 0.98
CA THR A 235 -5.42 3.31 0.57
C THR A 235 -4.02 3.46 1.20
N GLN A 236 -3.32 4.51 0.80
CA GLN A 236 -2.00 4.81 1.36
C GLN A 236 -1.86 6.31 1.56
N LEU A 237 -1.23 6.70 2.65
CA LEU A 237 -1.00 8.10 2.91
C LEU A 237 0.50 8.37 2.90
N TYR A 238 0.87 9.47 2.26
CA TYR A 238 2.29 9.84 2.04
C TYR A 238 2.57 11.22 2.69
N PHE A 239 3.83 11.68 2.68
CA PHE A 239 4.23 12.87 3.46
C PHE A 239 4.84 13.96 2.59
N LYS A 240 4.32 15.19 2.68
CA LYS A 240 4.68 16.31 1.78
C LYS A 240 6.16 16.58 1.81
N GLY A 241 6.79 16.70 0.63
CA GLY A 241 8.22 16.98 0.59
C GLY A 241 9.07 15.76 0.80
N GLY A 242 8.43 14.63 1.06
CA GLY A 242 9.15 13.39 1.27
C GLY A 242 9.90 12.90 0.04
N GLU A 243 10.92 12.12 0.30
CA GLU A 243 11.77 11.55 -0.76
C GLU A 243 10.96 10.54 -1.60
N TRP A 244 11.24 10.49 -2.90
CA TRP A 244 10.68 9.54 -3.85
C TRP A 244 9.17 9.63 -4.14
N ILE A 245 8.47 10.70 -3.74
CA ILE A 245 7.02 10.73 -3.99
C ILE A 245 6.74 10.85 -5.47
N ASP A 246 7.63 11.55 -6.15
CA ASP A 246 7.53 11.74 -7.59
C ASP A 246 8.08 10.54 -8.35
N SER A 247 8.83 9.68 -7.68
CA SER A 247 9.36 8.52 -8.32
C SER A 247 9.15 7.21 -7.56
N ASP A 248 7.99 6.96 -7.04
CA ASP A 248 7.64 5.73 -6.39
C ASP A 248 7.84 4.58 -7.37
N VAL A 249 8.55 3.53 -6.99
CA VAL A 249 8.77 2.39 -7.89
C VAL A 249 7.42 1.66 -8.14
N ALA A 250 6.54 1.68 -7.14
CA ALA A 250 5.25 1.01 -7.25
C ALA A 250 4.22 1.88 -7.99
N SER A 251 4.60 3.11 -8.40
CA SER A 251 3.67 4.06 -9.08
C SER A 251 2.33 4.23 -8.33
N ALA A 252 2.38 4.27 -6.99
CA ALA A 252 1.15 4.23 -6.15
C ALA A 252 0.87 5.55 -5.41
N THR A 253 1.60 6.60 -5.72
CA THR A 253 1.39 7.83 -4.98
C THR A 253 0.42 8.68 -5.77
N LYS A 254 -0.51 9.35 -5.09
CA LYS A 254 -1.44 10.30 -5.74
C LYS A 254 -1.37 11.64 -5.01
N PRO A 255 -1.49 12.78 -5.76
CA PRO A 255 -1.41 14.08 -5.08
C PRO A 255 -2.38 14.21 -3.87
N GLU A 256 -3.59 13.68 -4.03
CA GLU A 256 -4.64 13.73 -3.01
C GLU A 256 -4.32 12.99 -1.70
N LEU A 257 -3.32 12.11 -1.77
CA LEU A 257 -2.93 11.22 -0.66
C LEU A 257 -1.64 11.67 0.07
N ILE A 258 -1.30 12.94 -0.11
CA ILE A 258 -0.07 13.49 0.47
C ILE A 258 -0.45 14.31 1.70
N LEU A 259 0.15 13.96 2.84
CA LEU A 259 -0.07 14.64 4.12
C LEU A 259 0.93 15.74 4.38
N ASP A 260 0.46 16.76 5.11
CA ASP A 260 1.28 17.89 5.48
C ASP A 260 1.21 18.08 6.97
N PRO A 261 1.93 17.23 7.76
CA PRO A 261 1.84 17.31 9.23
C PRO A 261 2.56 18.52 9.80
N LYS A 262 2.06 19.05 10.91
CA LYS A 262 2.66 20.20 11.56
C LYS A 262 3.32 19.70 12.82
N THR A 263 4.50 20.24 13.15
CA THR A 263 5.22 19.84 14.37
C THR A 263 4.74 20.57 15.61
N GLY A 264 4.50 19.80 16.66
CA GLY A 264 4.11 20.34 17.96
C GLY A 264 5.32 20.82 18.74
N ASP A 265 5.04 21.42 19.89
CA ASP A 265 6.12 21.88 20.75
C ASP A 265 6.62 20.75 21.64
N ASP A 266 5.83 19.68 21.71
CA ASP A 266 6.29 18.38 22.20
C ASP A 266 7.15 17.68 21.13
N GLY A 267 7.39 18.35 20.00
CA GLY A 267 8.13 17.79 18.86
C GLY A 267 7.49 16.62 18.08
N LYS A 268 6.19 16.39 18.29
CA LYS A 268 5.47 15.32 17.57
C LYS A 268 4.87 15.87 16.26
N ASN A 269 4.78 15.01 15.25
CA ASN A 269 4.08 15.44 14.05
C ASN A 269 2.56 15.21 14.16
N TYR A 270 1.78 16.25 13.86
CA TYR A 270 0.31 16.23 13.96
C TYR A 270 -0.38 16.39 12.63
N VAL A 271 -1.34 15.53 12.37
CA VAL A 271 -2.08 15.65 11.12
C VAL A 271 -3.45 15.08 11.25
N THR A 272 -4.38 15.69 10.54
CA THR A 272 -5.76 15.28 10.52
C THR A 272 -6.08 14.89 9.12
N TYR A 273 -6.67 13.70 8.96
CA TYR A 273 -7.15 13.26 7.66
C TYR A 273 -8.48 12.52 7.80
N ASN A 274 -9.43 12.92 6.96
CA ASN A 274 -10.73 12.32 6.97
C ASN A 274 -10.88 11.27 5.87
N PHE A 275 -11.56 10.17 6.18
CA PHE A 275 -12.01 9.20 5.18
C PHE A 275 -13.48 9.38 4.77
N VAL A 276 -13.74 9.18 3.49
CA VAL A 276 -15.06 9.37 2.88
C VAL A 276 -15.37 8.05 2.15
N LEU A 277 -16.32 7.27 2.68
CA LEU A 277 -16.66 5.94 2.12
C LEU A 277 -17.87 5.95 1.19
N ASP A 278 -17.80 5.18 0.12
CA ASP A 278 -18.96 4.99 -0.77
C ASP A 278 -19.88 3.95 -0.12
N PRO A 279 -21.17 3.92 -0.50
CA PRO A 279 -22.07 2.84 -0.03
C PRO A 279 -21.79 1.52 -0.75
N ALA A 280 -21.90 0.42 -0.01
CA ALA A 280 -21.60 -0.90 -0.56
C ALA A 280 -22.57 -1.29 -1.68
#